data_3LOA
#
_entry.id   3LOA
#
_cell.length_a   57.455
_cell.length_b   57.455
_cell.length_c   58.433
_cell.angle_alpha   90.00
_cell.angle_beta   90.00
_cell.angle_gamma   120.00
#
_symmetry.space_group_name_H-M   'P 64'
#
loop_
_entity.id
_entity.type
_entity.pdbx_description
1 polymer "5'-R(*CP*CP*GP*CP*GP*CP*CP*CP*GP*(5BU)P*CP*AP*CP*AP*CP*CP*AP*CP*CP*CP*G)-3'"
2 polymer "5'-R(*GP*GP*GP*(5BU)P*GP*GP*UP*GP*AP*AP*GP*UP*CP*GP*UP*AP*AP*CP*GP*CP*GP*GP*C)-3'"
3 non-polymer 'MAGNESIUM ION'
4 non-polymer 'SULFATE ION'
5 water water
#
loop_
_entity_poly.entity_id
_entity_poly.type
_entity_poly.pdbx_seq_one_letter_code
_entity_poly.pdbx_strand_id
1 'polyribonucleotide' CCGCGCCCG(5BU)CACACCACCCG A
2 'polyribonucleotide' GGG(5BU)GGUGAAGUCGUAACGCGGC B
#